data_7K1A
#
_entry.id   7K1A
#
_cell.length_a   57.920
_cell.length_b   64.280
_cell.length_c   223.870
_cell.angle_alpha   90.000
_cell.angle_beta   90.000
_cell.angle_gamma   90.000
#
_symmetry.space_group_name_H-M   'C 2 2 21'
#
loop_
_entity.id
_entity.type
_entity.pdbx_description
1 polymer 'HTH-type transcriptional regulator TtgR'
2 non-polymer 'MAGNESIUM ION'
3 water water
#
_entity_poly.entity_id   1
_entity_poly.type   'polypeptide(L)'
_entity_poly.pdbx_seq_one_letter_code
;SMVRRTKEEAQETRAQIIEAAERAFYKRGVARTTLADIAELAGVTRGAIYWHFNNKAELVQALLDSLHETHDHLARASES
EDEVDPLGCMRKLLLQVFNELVLDARTRRINEILHHKCEFTDDMCEIRQQRQSAVLDIHKGWTLALANAVRRGQLPGELD
AERAAVALYAYVDGLIRRWLLLPDSVDLLGDVEKWVDTGLDMLRLSPALRK
;
_entity_poly.pdbx_strand_id   A,B
#
loop_
_chem_comp.id
_chem_comp.type
_chem_comp.name
_chem_comp.formula
MG non-polymer 'MAGNESIUM ION' 'Mg 2'
#
# COMPACT_ATOMS: atom_id res chain seq x y z
N THR A 6 3.13 -27.03 -31.19
CA THR A 6 4.16 -27.75 -30.45
C THR A 6 4.32 -27.14 -29.06
N LYS A 7 5.14 -27.77 -28.23
CA LYS A 7 5.32 -27.29 -26.85
C LYS A 7 5.87 -25.88 -26.83
N GLU A 8 6.87 -25.59 -27.66
CA GLU A 8 7.46 -24.25 -27.66
C GLU A 8 6.51 -23.24 -28.30
N GLU A 9 5.67 -23.67 -29.24
CA GLU A 9 4.67 -22.76 -29.79
C GLU A 9 3.73 -22.28 -28.68
N ALA A 10 3.32 -23.19 -27.80
CA ALA A 10 2.39 -22.83 -26.73
C ALA A 10 3.08 -21.99 -25.66
N GLN A 11 4.31 -22.34 -25.31
CA GLN A 11 5.03 -21.55 -24.32
C GLN A 11 5.35 -20.15 -24.82
N GLU A 12 5.63 -20.02 -26.13
CA GLU A 12 5.78 -18.70 -26.73
C GLU A 12 4.47 -17.93 -26.68
N THR A 13 3.37 -18.57 -27.10
CA THR A 13 2.08 -17.90 -27.11
C THR A 13 1.70 -17.43 -25.71
N ARG A 14 1.99 -18.24 -24.69
CA ARG A 14 1.71 -17.82 -23.32
C ARG A 14 2.48 -16.56 -22.97
N ALA A 15 3.77 -16.52 -23.32
CA ALA A 15 4.58 -15.34 -23.01
C ALA A 15 4.09 -14.12 -23.76
N GLN A 16 3.69 -14.30 -25.02
CA GLN A 16 3.11 -13.19 -25.78
C GLN A 16 1.88 -12.63 -25.08
N ILE A 17 1.03 -13.51 -24.54
CA ILE A 17 -0.19 -13.07 -23.89
C ILE A 17 0.13 -12.29 -22.62
N ILE A 18 1.03 -12.82 -21.79
CA ILE A 18 1.36 -12.16 -20.52
C ILE A 18 1.98 -10.79 -20.79
N GLU A 19 2.79 -10.68 -21.84
CA GLU A 19 3.41 -9.40 -22.15
C GLU A 19 2.38 -8.38 -22.64
N ALA A 20 1.40 -8.84 -23.41
CA ALA A 20 0.32 -7.95 -23.84
C ALA A 20 -0.62 -7.61 -22.68
N ALA A 21 -0.77 -8.52 -21.73
CA ALA A 21 -1.59 -8.24 -20.55
C ALA A 21 -0.98 -7.14 -19.71
N GLU A 22 0.35 -7.14 -19.57
N GLU A 22 0.35 -7.13 -19.58
CA GLU A 22 1.03 -6.04 -18.89
CA GLU A 22 1.00 -6.04 -18.88
C GLU A 22 0.74 -4.71 -19.58
C GLU A 22 0.73 -4.71 -19.57
N ARG A 23 0.82 -4.68 -20.91
CA ARG A 23 0.57 -3.44 -21.64
C ARG A 23 -0.87 -2.98 -21.48
N ALA A 24 -1.83 -3.90 -21.59
CA ALA A 24 -3.24 -3.52 -21.54
C ALA A 24 -3.64 -3.08 -20.13
N PHE A 25 -3.24 -3.85 -19.11
CA PHE A 25 -3.60 -3.51 -17.74
C PHE A 25 -2.96 -2.19 -17.32
N TYR A 26 -1.72 -1.95 -17.74
CA TYR A 26 -1.05 -0.71 -17.35
C TYR A 26 -1.74 0.51 -17.94
N LYS A 27 -2.26 0.38 -19.17
CA LYS A 27 -2.85 1.54 -19.83
C LYS A 27 -4.29 1.77 -19.39
N ARG A 28 -5.10 0.71 -19.30
CA ARG A 28 -6.52 0.85 -19.06
C ARG A 28 -7.00 0.27 -17.75
N GLY A 29 -6.12 -0.31 -16.95
CA GLY A 29 -6.51 -0.95 -15.71
C GLY A 29 -7.11 -2.32 -15.92
N VAL A 30 -7.18 -3.08 -14.83
CA VAL A 30 -7.68 -4.45 -14.88
C VAL A 30 -9.20 -4.48 -15.01
N ALA A 31 -9.89 -3.63 -14.25
CA ALA A 31 -11.35 -3.73 -14.16
C ALA A 31 -12.00 -3.76 -15.54
N ARG A 32 -11.59 -2.87 -16.43
CA ARG A 32 -12.25 -2.69 -17.71
C ARG A 32 -11.58 -3.46 -18.86
N THR A 33 -10.49 -4.16 -18.59
CA THR A 33 -9.80 -4.94 -19.62
C THR A 33 -10.32 -6.37 -19.63
N THR A 34 -10.58 -6.89 -20.83
CA THR A 34 -11.09 -8.24 -21.00
C THR A 34 -10.04 -9.11 -21.67
N LEU A 35 -10.15 -10.43 -21.47
CA LEU A 35 -9.26 -11.35 -22.17
C LEU A 35 -9.32 -11.14 -23.67
N ALA A 36 -10.52 -10.81 -24.19
CA ALA A 36 -10.64 -10.54 -25.62
C ALA A 36 -9.79 -9.34 -26.02
N ASP A 37 -9.83 -8.27 -25.21
CA ASP A 37 -8.97 -7.12 -25.49
C ASP A 37 -7.50 -7.52 -25.54
N ILE A 38 -7.06 -8.36 -24.59
CA ILE A 38 -5.66 -8.74 -24.52
C ILE A 38 -5.28 -9.59 -25.73
N ALA A 39 -6.18 -10.48 -26.16
CA ALA A 39 -5.88 -11.35 -27.29
C ALA A 39 -5.61 -10.54 -28.55
N GLU A 40 -6.48 -9.57 -28.85
CA GLU A 40 -6.26 -8.73 -30.02
C GLU A 40 -4.96 -7.94 -29.91
N LEU A 41 -4.66 -7.46 -28.69
CA LEU A 41 -3.42 -6.71 -28.49
C LEU A 41 -2.19 -7.60 -28.67
N ALA A 42 -2.29 -8.87 -28.31
CA ALA A 42 -1.19 -9.80 -28.50
C ALA A 42 -1.16 -10.40 -29.90
N GLY A 43 -2.27 -10.33 -30.63
CA GLY A 43 -2.33 -10.88 -31.97
C GLY A 43 -2.46 -12.39 -32.02
N VAL A 44 -3.08 -13.01 -31.03
CA VAL A 44 -3.31 -14.45 -30.99
C VAL A 44 -4.79 -14.69 -31.24
N THR A 45 -5.09 -15.64 -32.11
CA THR A 45 -6.42 -15.76 -32.71
C THR A 45 -7.10 -17.07 -32.32
N ARG A 46 -8.33 -17.23 -32.83
CA ARG A 46 -9.12 -18.46 -32.72
C ARG A 46 -9.25 -18.94 -31.27
N GLY A 47 -9.40 -17.98 -30.36
CA GLY A 47 -9.68 -18.31 -28.98
C GLY A 47 -8.53 -18.89 -28.20
N ALA A 48 -7.29 -18.66 -28.66
CA ALA A 48 -6.14 -19.29 -28.01
C ALA A 48 -5.99 -18.84 -26.57
N ILE A 49 -6.28 -17.57 -26.30
CA ILE A 49 -6.03 -17.04 -24.95
C ILE A 49 -6.81 -17.84 -23.91
N TYR A 50 -8.00 -18.33 -24.26
CA TYR A 50 -8.79 -19.09 -23.31
C TYR A 50 -8.22 -20.50 -23.09
N TRP A 51 -7.34 -20.96 -23.98
CA TRP A 51 -6.63 -22.20 -23.71
C TRP A 51 -5.60 -22.02 -22.61
N HIS A 52 -5.00 -20.83 -22.53
CA HIS A 52 -3.93 -20.56 -21.58
C HIS A 52 -4.45 -20.04 -20.25
N PHE A 53 -5.60 -19.36 -20.24
CA PHE A 53 -6.11 -18.74 -19.02
C PHE A 53 -7.62 -18.89 -18.96
N ASN A 54 -8.10 -19.46 -17.85
CA ASN A 54 -9.54 -19.67 -17.68
C ASN A 54 -10.28 -18.33 -17.60
N ASN A 55 -9.69 -17.35 -16.94
CA ASN A 55 -10.34 -16.07 -16.72
C ASN A 55 -9.28 -15.01 -16.46
N LYS A 56 -9.74 -13.77 -16.29
CA LYS A 56 -8.82 -12.64 -16.12
C LYS A 56 -8.06 -12.72 -14.80
N ALA A 57 -8.69 -13.25 -13.76
CA ALA A 57 -8.02 -13.34 -12.47
C ALA A 57 -6.82 -14.29 -12.54
N GLU A 58 -6.92 -15.34 -13.36
CA GLU A 58 -5.79 -16.25 -13.53
C GLU A 58 -4.62 -15.56 -14.22
N LEU A 59 -4.93 -14.66 -15.16
CA LEU A 59 -3.88 -13.87 -15.81
C LEU A 59 -3.24 -12.92 -14.81
N VAL A 60 -4.05 -12.26 -13.98
CA VAL A 60 -3.49 -11.37 -12.96
C VAL A 60 -2.56 -12.14 -12.03
N GLN A 61 -2.97 -13.33 -11.61
CA GLN A 61 -2.14 -14.14 -10.74
C GLN A 61 -0.81 -14.49 -11.42
N ALA A 62 -0.84 -14.73 -12.72
CA ALA A 62 0.39 -15.05 -13.45
C ALA A 62 1.37 -13.89 -13.38
N LEU A 63 0.87 -12.65 -13.47
CA LEU A 63 1.75 -11.50 -13.34
C LEU A 63 2.34 -11.42 -11.93
N LEU A 64 1.51 -11.62 -10.91
CA LEU A 64 2.01 -11.56 -9.54
C LEU A 64 2.96 -12.71 -9.25
N ASP A 65 2.60 -13.94 -9.65
CA ASP A 65 3.50 -15.06 -9.47
C ASP A 65 4.88 -14.77 -10.06
N SER A 66 4.92 -14.10 -11.22
CA SER A 66 6.19 -13.87 -11.89
C SER A 66 7.15 -13.01 -11.07
N LEU A 67 6.63 -12.27 -10.08
CA LEU A 67 7.51 -11.42 -9.29
C LEU A 67 8.41 -12.22 -8.36
N HIS A 68 7.97 -13.42 -7.95
CA HIS A 68 8.74 -14.21 -7.00
C HIS A 68 9.93 -14.91 -7.62
N GLU A 69 9.98 -15.02 -8.96
CA GLU A 69 10.97 -15.88 -9.60
C GLU A 69 12.39 -15.42 -9.31
N THR A 70 12.67 -14.13 -9.47
CA THR A 70 14.05 -13.68 -9.34
C THR A 70 14.58 -13.86 -7.93
N HIS A 71 13.72 -13.77 -6.92
CA HIS A 71 14.15 -13.79 -5.53
C HIS A 71 14.06 -15.17 -4.89
N ASP A 72 13.70 -16.20 -5.66
CA ASP A 72 13.43 -17.51 -5.06
C ASP A 72 14.68 -18.08 -4.40
N HIS A 73 15.85 -17.89 -5.01
CA HIS A 73 17.07 -18.45 -4.45
C HIS A 73 17.36 -17.88 -3.06
N LEU A 74 17.26 -16.56 -2.91
CA LEU A 74 17.53 -15.94 -1.62
C LEU A 74 16.43 -16.21 -0.61
N ALA A 75 15.17 -16.27 -1.07
CA ALA A 75 14.08 -16.58 -0.15
C ALA A 75 14.21 -17.98 0.43
N ARG A 76 14.48 -18.98 -0.43
CA ARG A 76 14.62 -20.34 0.06
C ARG A 76 15.82 -20.45 1.01
N ALA A 77 16.89 -19.70 0.73
CA ALA A 77 18.06 -19.75 1.59
C ALA A 77 17.76 -19.19 2.98
N SER A 78 17.10 -18.03 3.03
CA SER A 78 16.77 -17.42 4.31
C SER A 78 15.90 -18.34 5.15
N GLU A 79 15.12 -19.20 4.51
CA GLU A 79 14.19 -20.09 5.20
C GLU A 79 14.82 -21.41 5.62
N SER A 80 15.98 -21.76 5.07
CA SER A 80 16.57 -23.06 5.34
C SER A 80 17.14 -23.14 6.75
N GLU A 81 16.86 -24.24 7.44
CA GLU A 81 17.41 -24.44 8.78
C GLU A 81 18.92 -24.59 8.76
N ASP A 82 19.50 -25.00 7.64
CA ASP A 82 20.94 -25.16 7.53
C ASP A 82 21.67 -23.88 7.16
N GLU A 83 20.94 -22.83 6.80
CA GLU A 83 21.55 -21.55 6.46
C GLU A 83 22.11 -20.90 7.71
N VAL A 84 23.41 -20.58 7.69
CA VAL A 84 24.05 -19.99 8.87
C VAL A 84 23.88 -18.48 8.95
N ASP A 85 23.45 -17.83 7.87
CA ASP A 85 23.35 -16.38 7.81
C ASP A 85 21.98 -15.97 7.28
N PRO A 86 20.90 -16.37 7.96
CA PRO A 86 19.57 -16.10 7.41
C PRO A 86 19.23 -14.62 7.35
N LEU A 87 19.69 -13.81 8.30
CA LEU A 87 19.41 -12.39 8.21
C LEU A 87 20.20 -11.72 7.09
N GLY A 88 21.41 -12.22 6.82
CA GLY A 88 22.15 -11.74 5.66
C GLY A 88 21.46 -12.08 4.35
N CYS A 89 20.83 -13.26 4.30
CA CYS A 89 20.03 -13.59 3.12
C CYS A 89 18.86 -12.63 2.98
N MET A 90 18.19 -12.32 4.09
CA MET A 90 17.07 -11.37 4.05
C MET A 90 17.53 -10.00 3.58
N ARG A 91 18.70 -9.54 4.04
CA ARG A 91 19.21 -8.26 3.58
C ARG A 91 19.44 -8.30 2.07
N LYS A 92 20.13 -9.34 1.58
CA LYS A 92 20.36 -9.46 0.14
C LYS A 92 19.04 -9.57 -0.60
N LEU A 93 18.06 -10.25 -0.02
CA LEU A 93 16.74 -10.35 -0.65
C LEU A 93 16.11 -8.98 -0.83
N LEU A 94 16.13 -8.15 0.22
CA LEU A 94 15.50 -6.84 0.15
C LEU A 94 16.26 -5.90 -0.75
N LEU A 95 17.59 -5.94 -0.72
CA LEU A 95 18.38 -5.16 -1.67
C LEU A 95 17.99 -5.49 -3.11
N GLN A 96 17.80 -6.76 -3.41
CA GLN A 96 17.47 -7.18 -4.77
C GLN A 96 16.05 -6.76 -5.14
N VAL A 97 15.12 -6.83 -4.19
CA VAL A 97 13.76 -6.40 -4.46
C VAL A 97 13.74 -4.94 -4.89
N PHE A 98 14.41 -4.08 -4.13
CA PHE A 98 14.44 -2.65 -4.46
C PHE A 98 15.26 -2.39 -5.73
N ASN A 99 16.40 -3.08 -5.88
CA ASN A 99 17.20 -2.89 -7.08
C ASN A 99 16.42 -3.28 -8.33
N GLU A 100 15.71 -4.41 -8.28
CA GLU A 100 14.93 -4.82 -9.44
C GLU A 100 13.79 -3.85 -9.70
N LEU A 101 13.11 -3.40 -8.64
CA LEU A 101 11.99 -2.49 -8.81
C LEU A 101 12.41 -1.22 -9.54
N VAL A 102 13.55 -0.64 -9.16
CA VAL A 102 13.97 0.59 -9.79
C VAL A 102 14.54 0.35 -11.19
N LEU A 103 15.28 -0.75 -11.36
CA LEU A 103 16.01 -0.97 -12.60
C LEU A 103 15.19 -1.66 -13.69
N ASP A 104 14.27 -2.54 -13.32
CA ASP A 104 13.59 -3.41 -14.28
C ASP A 104 12.25 -2.82 -14.68
N ALA A 105 12.09 -2.53 -15.98
CA ALA A 105 10.83 -1.96 -16.46
C ALA A 105 9.67 -2.90 -16.21
N ARG A 106 9.87 -4.22 -16.39
CA ARG A 106 8.77 -5.16 -16.23
C ARG A 106 8.33 -5.26 -14.77
N THR A 107 9.29 -5.38 -13.85
CA THR A 107 8.94 -5.44 -12.44
C THR A 107 8.22 -4.17 -11.99
N ARG A 108 8.70 -3.01 -12.42
CA ARG A 108 8.07 -1.75 -12.04
C ARG A 108 6.64 -1.68 -12.55
N ARG A 109 6.44 -2.05 -13.82
CA ARG A 109 5.10 -1.93 -14.41
C ARG A 109 4.14 -2.92 -13.78
N ILE A 110 4.61 -4.14 -13.47
CA ILE A 110 3.74 -5.12 -12.83
C ILE A 110 3.37 -4.66 -11.42
N ASN A 111 4.33 -4.11 -10.68
CA ASN A 111 4.04 -3.59 -9.36
C ASN A 111 3.03 -2.44 -9.43
N GLU A 112 3.19 -1.55 -10.41
CA GLU A 112 2.21 -0.47 -10.56
C GLU A 112 0.82 -1.03 -10.85
N ILE A 113 0.74 -2.07 -11.67
CA ILE A 113 -0.55 -2.69 -11.96
C ILE A 113 -1.17 -3.23 -10.68
N LEU A 114 -0.41 -4.01 -9.91
CA LEU A 114 -0.96 -4.66 -8.74
C LEU A 114 -1.31 -3.65 -7.65
N HIS A 115 -0.48 -2.62 -7.48
CA HIS A 115 -0.68 -1.65 -6.43
C HIS A 115 -1.74 -0.62 -6.78
N HIS A 116 -1.75 -0.14 -8.03
CA HIS A 116 -2.51 1.05 -8.38
C HIS A 116 -3.49 0.90 -9.54
N LYS A 117 -3.55 -0.27 -10.18
CA LYS A 117 -4.41 -0.39 -11.36
C LYS A 117 -5.20 -1.71 -11.38
N CYS A 118 -5.57 -2.22 -10.20
CA CYS A 118 -6.20 -3.53 -10.11
C CYS A 118 -7.22 -3.51 -8.98
N GLU A 119 -8.48 -3.40 -9.33
CA GLU A 119 -9.55 -3.35 -8.34
C GLU A 119 -9.89 -4.72 -7.79
N PHE A 120 -10.17 -4.77 -6.48
CA PHE A 120 -10.80 -5.92 -5.85
C PHE A 120 -12.32 -5.72 -5.92
N THR A 121 -12.98 -6.47 -6.79
CA THR A 121 -14.44 -6.46 -6.88
C THR A 121 -14.95 -7.88 -6.67
N ASP A 122 -16.00 -8.03 -5.86
CA ASP A 122 -16.50 -9.37 -5.56
C ASP A 122 -17.21 -10.00 -6.75
N ASP A 123 -17.47 -9.25 -7.82
CA ASP A 123 -17.76 -9.88 -9.10
C ASP A 123 -16.56 -10.68 -9.59
N MET A 124 -15.35 -10.24 -9.25
CA MET A 124 -14.12 -10.97 -9.52
C MET A 124 -13.46 -11.32 -8.19
N CYS A 125 -14.20 -12.04 -7.33
CA CYS A 125 -13.75 -12.30 -5.97
C CYS A 125 -12.36 -12.93 -5.91
N GLU A 126 -11.91 -13.57 -7.00
CA GLU A 126 -10.65 -14.30 -6.96
C GLU A 126 -9.45 -13.37 -6.83
N ILE A 127 -9.55 -12.14 -7.32
CA ILE A 127 -8.39 -11.24 -7.27
C ILE A 127 -8.01 -10.96 -5.83
N ARG A 128 -9.00 -10.63 -4.99
CA ARG A 128 -8.71 -10.39 -3.57
C ARG A 128 -8.26 -11.67 -2.90
N GLN A 129 -8.96 -12.78 -3.15
CA GLN A 129 -8.60 -14.04 -2.49
C GLN A 129 -7.18 -14.46 -2.84
N GLN A 130 -6.79 -14.29 -4.11
CA GLN A 130 -5.45 -14.66 -4.52
C GLN A 130 -4.40 -13.74 -3.91
N ARG A 131 -4.73 -12.46 -3.73
CA ARG A 131 -3.79 -11.54 -3.09
C ARG A 131 -3.61 -11.90 -1.62
N GLN A 132 -4.70 -12.31 -0.96
CA GLN A 132 -4.59 -12.73 0.43
C GLN A 132 -3.66 -13.94 0.57
N SER A 133 -3.86 -14.95 -0.28
CA SER A 133 -3.03 -16.15 -0.20
C SER A 133 -1.57 -15.82 -0.49
N ALA A 134 -1.31 -14.91 -1.43
CA ALA A 134 0.06 -14.57 -1.79
C ALA A 134 0.78 -13.84 -0.65
N VAL A 135 0.09 -12.90 0.00
CA VAL A 135 0.70 -12.18 1.11
C VAL A 135 0.86 -13.09 2.32
N LEU A 136 -0.08 -14.00 2.54
CA LEU A 136 0.08 -14.97 3.62
C LEU A 136 1.27 -15.89 3.36
N ASP A 137 1.50 -16.25 2.10
CA ASP A 137 2.67 -17.07 1.77
C ASP A 137 3.96 -16.32 2.09
N ILE A 138 4.05 -15.05 1.67
CA ILE A 138 5.21 -14.23 2.00
C ILE A 138 5.40 -14.18 3.51
N HIS A 139 4.31 -13.97 4.26
CA HIS A 139 4.41 -13.85 5.71
C HIS A 139 4.92 -15.14 6.33
N LYS A 140 4.40 -16.28 5.88
CA LYS A 140 4.89 -17.56 6.40
C LYS A 140 6.38 -17.69 6.19
N GLY A 141 6.87 -17.32 5.00
CA GLY A 141 8.29 -17.44 4.72
C GLY A 141 9.13 -16.47 5.52
N TRP A 142 8.67 -15.22 5.64
CA TRP A 142 9.43 -14.21 6.39
C TRP A 142 9.44 -14.55 7.88
N THR A 143 8.32 -15.06 8.40
CA THR A 143 8.30 -15.51 9.79
C THR A 143 9.38 -16.56 10.03
N LEU A 144 9.50 -17.52 9.12
CA LEU A 144 10.50 -18.58 9.26
C LEU A 144 11.91 -18.00 9.18
N ALA A 145 12.15 -17.10 8.24
CA ALA A 145 13.48 -16.52 8.09
C ALA A 145 13.89 -15.73 9.33
N LEU A 146 12.96 -14.97 9.90
CA LEU A 146 13.27 -14.22 11.11
C LEU A 146 13.47 -15.15 12.30
N ALA A 147 12.65 -16.21 12.39
CA ALA A 147 12.85 -17.19 13.45
C ALA A 147 14.21 -17.86 13.31
N ASN A 148 14.62 -18.18 12.08
CA ASN A 148 15.97 -18.69 11.85
C ASN A 148 17.02 -17.69 12.34
N ALA A 149 16.81 -16.41 12.04
CA ALA A 149 17.76 -15.39 12.49
C ALA A 149 17.83 -15.34 14.01
N VAL A 150 16.67 -15.44 14.67
CA VAL A 150 16.67 -15.51 16.13
C VAL A 150 17.49 -16.71 16.61
N ARG A 151 17.25 -17.87 16.01
CA ARG A 151 17.96 -19.08 16.42
C ARG A 151 19.46 -18.92 16.26
N ARG A 152 19.89 -18.23 15.21
CA ARG A 152 21.30 -18.02 14.93
C ARG A 152 21.88 -16.80 15.65
N GLY A 153 21.15 -16.21 16.57
CA GLY A 153 21.67 -15.10 17.35
C GLY A 153 21.82 -13.81 16.60
N GLN A 154 21.14 -13.67 15.46
CA GLN A 154 21.22 -12.44 14.66
C GLN A 154 20.11 -11.45 14.98
N LEU A 155 19.05 -11.88 15.67
CA LEU A 155 17.98 -11.02 16.13
C LEU A 155 17.69 -11.35 17.59
N PRO A 156 17.02 -10.45 18.31
CA PRO A 156 16.81 -10.67 19.75
C PRO A 156 16.08 -11.98 20.03
N GLY A 157 16.52 -12.67 21.08
CA GLY A 157 15.91 -13.94 21.43
C GLY A 157 14.43 -13.84 21.72
N GLU A 158 13.98 -12.70 22.24
CA GLU A 158 12.58 -12.50 22.61
C GLU A 158 11.78 -11.83 21.51
N LEU A 159 12.31 -11.78 20.29
CA LEU A 159 11.58 -11.19 19.18
C LEU A 159 10.28 -11.94 18.96
N ASP A 160 9.21 -11.19 18.67
CA ASP A 160 7.96 -11.78 18.22
C ASP A 160 8.08 -11.93 16.71
N ALA A 161 8.45 -13.13 16.26
CA ALA A 161 8.77 -13.33 14.85
C ALA A 161 7.60 -12.92 13.96
N GLU A 162 6.37 -13.28 14.34
CA GLU A 162 5.22 -13.00 13.49
C GLU A 162 4.99 -11.50 13.35
N ARG A 163 4.93 -10.78 14.48
CA ARG A 163 4.74 -9.33 14.41
C ARG A 163 5.89 -8.67 13.69
N ALA A 164 7.11 -9.18 13.85
CA ALA A 164 8.25 -8.60 13.16
C ALA A 164 8.12 -8.77 11.65
N ALA A 165 7.64 -9.93 11.21
CA ALA A 165 7.44 -10.14 9.78
C ALA A 165 6.36 -9.23 9.23
N VAL A 166 5.31 -8.99 10.00
CA VAL A 166 4.26 -8.05 9.59
C VAL A 166 4.83 -6.64 9.50
N ALA A 167 5.60 -6.22 10.52
CA ALA A 167 6.17 -4.88 10.51
C ALA A 167 7.10 -4.68 9.31
N LEU A 168 7.97 -5.65 9.03
CA LEU A 168 8.86 -5.52 7.89
C LEU A 168 8.07 -5.45 6.59
N TYR A 169 7.05 -6.27 6.45
CA TYR A 169 6.27 -6.27 5.21
C TYR A 169 5.57 -4.92 5.02
N ALA A 170 4.94 -4.41 6.09
CA ALA A 170 4.30 -3.10 6.02
C ALA A 170 5.27 -2.05 5.49
N TYR A 171 6.48 -1.99 6.08
CA TYR A 171 7.46 -1.01 5.64
C TYR A 171 7.86 -1.22 4.19
N VAL A 172 8.23 -2.44 3.83
CA VAL A 172 8.68 -2.71 2.46
C VAL A 172 7.56 -2.40 1.47
N ASP A 173 6.38 -3.00 1.69
CA ASP A 173 5.26 -2.76 0.81
C ASP A 173 4.91 -1.27 0.73
N GLY A 174 4.92 -0.58 1.87
CA GLY A 174 4.60 0.84 1.84
C GLY A 174 5.64 1.65 1.09
N LEU A 175 6.92 1.31 1.25
CA LEU A 175 7.97 2.05 0.59
C LEU A 175 7.90 1.86 -0.92
N ILE A 176 7.58 0.65 -1.38
CA ILE A 176 7.42 0.41 -2.80
C ILE A 176 6.30 1.28 -3.37
N ARG A 177 5.15 1.26 -2.72
CA ARG A 177 4.02 2.04 -3.22
C ARG A 177 4.34 3.52 -3.19
N ARG A 178 5.01 3.99 -2.14
CA ARG A 178 5.39 5.40 -2.05
C ARG A 178 6.33 5.79 -3.19
N TRP A 179 7.31 4.94 -3.50
CA TRP A 179 8.21 5.24 -4.60
C TRP A 179 7.47 5.24 -5.94
N LEU A 180 6.55 4.30 -6.13
CA LEU A 180 5.77 4.28 -7.36
C LEU A 180 4.94 5.56 -7.50
N LEU A 181 4.38 6.05 -6.38
CA LEU A 181 3.54 7.24 -6.45
C LEU A 181 4.38 8.50 -6.63
N LEU A 182 5.49 8.61 -5.91
CA LEU A 182 6.33 9.80 -5.89
C LEU A 182 7.80 9.39 -6.03
N PRO A 183 8.21 8.97 -7.23
CA PRO A 183 9.57 8.44 -7.38
C PRO A 183 10.64 9.50 -7.15
N ASP A 184 10.37 10.75 -7.50
CA ASP A 184 11.38 11.79 -7.36
C ASP A 184 11.60 12.22 -5.92
N SER A 185 10.79 11.74 -4.98
CA SER A 185 10.98 12.11 -3.59
C SER A 185 12.02 11.23 -2.89
N VAL A 186 12.17 9.98 -3.36
CA VAL A 186 12.94 8.96 -2.66
C VAL A 186 13.95 8.37 -3.63
N ASP A 187 15.24 8.65 -3.41
CA ASP A 187 16.31 8.03 -4.19
C ASP A 187 16.48 6.60 -3.69
N LEU A 188 15.55 5.74 -4.11
CA LEU A 188 15.54 4.36 -3.62
C LEU A 188 16.78 3.61 -4.07
N LEU A 189 17.32 3.94 -5.24
CA LEU A 189 18.45 3.19 -5.79
C LEU A 189 19.77 3.63 -5.16
N GLY A 190 20.05 4.94 -5.18
CA GLY A 190 21.32 5.41 -4.63
C GLY A 190 21.44 5.13 -3.14
N ASP A 191 20.34 5.28 -2.40
CA ASP A 191 20.32 5.05 -0.95
C ASP A 191 19.75 3.68 -0.59
N VAL A 192 19.84 2.71 -1.50
CA VAL A 192 19.15 1.45 -1.29
C VAL A 192 19.59 0.78 0.00
N GLU A 193 20.90 0.77 0.27
CA GLU A 193 21.38 0.11 1.48
C GLU A 193 20.75 0.74 2.73
N LYS A 194 20.60 2.06 2.73
CA LYS A 194 20.05 2.73 3.90
C LYS A 194 18.56 2.44 4.05
N TRP A 195 17.83 2.38 2.94
CA TRP A 195 16.40 2.07 3.04
C TRP A 195 16.20 0.65 3.55
N VAL A 196 17.06 -0.28 3.15
CA VAL A 196 16.96 -1.65 3.65
C VAL A 196 17.29 -1.71 5.14
N ASP A 197 18.42 -1.11 5.53
CA ASP A 197 18.87 -1.20 6.92
C ASP A 197 17.94 -0.46 7.88
N THR A 198 17.23 0.56 7.40
CA THR A 198 16.24 1.23 8.24
C THR A 198 15.14 0.25 8.66
N GLY A 199 14.64 -0.55 7.71
CA GLY A 199 13.63 -1.54 8.05
C GLY A 199 14.17 -2.65 8.92
N LEU A 200 15.36 -3.17 8.58
CA LEU A 200 15.95 -4.22 9.40
C LEU A 200 16.30 -3.71 10.79
N ASP A 201 16.67 -2.42 10.90
CA ASP A 201 16.96 -1.86 12.22
C ASP A 201 15.73 -1.85 13.10
N MET A 202 14.54 -1.66 12.50
CA MET A 202 13.31 -1.74 13.27
C MET A 202 13.20 -3.08 13.98
N LEU A 203 13.58 -4.16 13.30
CA LEU A 203 13.53 -5.49 13.91
C LEU A 203 14.68 -5.71 14.90
N ARG A 204 15.86 -5.18 14.58
CA ARG A 204 17.04 -5.42 15.42
C ARG A 204 17.01 -4.65 16.73
N LEU A 205 16.24 -3.56 16.81
CA LEU A 205 16.42 -2.59 17.87
C LEU A 205 15.15 -2.20 18.61
N SER A 206 13.97 -2.35 18.02
CA SER A 206 12.76 -1.88 18.67
C SER A 206 12.36 -2.82 19.80
N PRO A 207 12.28 -2.34 21.05
CA PRO A 207 11.74 -3.20 22.11
C PRO A 207 10.26 -3.51 21.95
N ALA A 208 9.53 -2.75 21.12
CA ALA A 208 8.10 -2.98 20.96
C ALA A 208 7.79 -4.26 20.21
N LEU A 209 8.75 -4.81 19.48
CA LEU A 209 8.57 -6.07 18.74
C LEU A 209 8.98 -7.29 19.54
N ARG A 210 9.33 -7.11 20.81
CA ARG A 210 9.73 -8.24 21.67
C ARG A 210 8.52 -8.73 22.44
N LYS A 211 8.50 -10.03 22.71
CA LYS A 211 7.38 -10.65 23.39
C LYS A 211 7.34 -10.19 24.86
N ARG B 5 -34.63 25.58 3.51
CA ARG B 5 -33.77 26.55 2.83
C ARG B 5 -32.92 25.89 1.75
N THR B 6 -32.44 26.71 0.81
CA THR B 6 -31.67 26.19 -0.31
C THR B 6 -30.42 25.46 0.17
N LYS B 7 -29.61 26.12 1.00
CA LYS B 7 -28.33 25.54 1.39
C LYS B 7 -28.52 24.28 2.23
N GLU B 8 -29.42 24.34 3.20
CA GLU B 8 -29.68 23.17 4.05
C GLU B 8 -30.09 21.96 3.21
N GLU B 9 -30.99 22.17 2.26
CA GLU B 9 -31.42 21.08 1.40
C GLU B 9 -30.28 20.60 0.52
N ALA B 10 -29.42 21.52 0.08
CA ALA B 10 -28.32 21.15 -0.79
C ALA B 10 -27.25 20.35 -0.04
N GLN B 11 -26.93 20.77 1.18
CA GLN B 11 -25.99 19.99 1.99
C GLN B 11 -26.51 18.57 2.22
N GLU B 12 -27.81 18.44 2.49
CA GLU B 12 -28.40 17.13 2.69
C GLU B 12 -28.29 16.27 1.45
N THR B 13 -28.52 16.86 0.28
CA THR B 13 -28.42 16.12 -0.97
C THR B 13 -26.99 15.69 -1.23
N ARG B 14 -26.03 16.61 -1.10
CA ARG B 14 -24.63 16.25 -1.28
C ARG B 14 -24.24 15.11 -0.35
N ALA B 15 -24.74 15.14 0.89
CA ALA B 15 -24.39 14.10 1.86
C ALA B 15 -24.98 12.76 1.45
N GLN B 16 -26.21 12.75 0.94
CA GLN B 16 -26.79 11.51 0.45
C GLN B 16 -25.98 10.96 -0.72
N ILE B 17 -25.55 11.83 -1.63
CA ILE B 17 -24.76 11.39 -2.78
C ILE B 17 -23.46 10.76 -2.30
N ILE B 18 -22.79 11.40 -1.36
CA ILE B 18 -21.49 10.91 -0.91
C ILE B 18 -21.62 9.56 -0.22
N GLU B 19 -22.68 9.38 0.60
CA GLU B 19 -22.90 8.10 1.23
C GLU B 19 -23.18 7.02 0.19
N ALA B 20 -23.97 7.34 -0.84
CA ALA B 20 -24.26 6.37 -1.88
C ALA B 20 -23.03 6.06 -2.72
N ALA B 21 -22.18 7.06 -2.96
CA ALA B 21 -20.94 6.82 -3.68
C ALA B 21 -20.06 5.84 -2.92
N GLU B 22 -19.96 6.00 -1.60
CA GLU B 22 -19.21 5.05 -0.80
C GLU B 22 -19.75 3.63 -1.00
N ARG B 23 -21.08 3.47 -0.95
CA ARG B 23 -21.67 2.15 -1.12
C ARG B 23 -21.40 1.59 -2.51
N ALA B 24 -21.52 2.43 -3.54
CA ALA B 24 -21.34 1.96 -4.91
C ALA B 24 -19.89 1.60 -5.18
N PHE B 25 -18.96 2.51 -4.85
CA PHE B 25 -17.55 2.26 -5.11
C PHE B 25 -17.06 1.04 -4.35
N TYR B 26 -17.56 0.84 -3.12
CA TYR B 26 -17.10 -0.28 -2.31
C TYR B 26 -17.54 -1.61 -2.90
N LYS B 27 -18.75 -1.66 -3.44
CA LYS B 27 -19.29 -2.93 -3.94
C LYS B 27 -18.85 -3.23 -5.36
N ARG B 28 -18.78 -2.20 -6.22
CA ARG B 28 -18.53 -2.41 -7.64
C ARG B 28 -17.27 -1.75 -8.18
N GLY B 29 -16.58 -0.95 -7.38
CA GLY B 29 -15.37 -0.29 -7.84
C GLY B 29 -15.64 1.03 -8.53
N VAL B 30 -14.59 1.86 -8.58
CA VAL B 30 -14.74 3.18 -9.16
C VAL B 30 -14.82 3.11 -10.68
N ALA B 31 -14.13 2.15 -11.30
CA ALA B 31 -13.98 2.17 -12.74
C ALA B 31 -15.32 2.00 -13.46
N ARG B 32 -16.16 1.08 -13.00
CA ARG B 32 -17.39 0.75 -13.70
C ARG B 32 -18.62 1.43 -13.13
N THR B 33 -18.49 2.10 -11.99
CA THR B 33 -19.59 2.88 -11.44
C THR B 33 -19.71 4.19 -12.18
N THR B 34 -20.94 4.61 -12.46
CA THR B 34 -21.21 5.90 -13.09
C THR B 34 -21.91 6.82 -12.11
N LEU B 35 -21.89 8.13 -12.41
CA LEU B 35 -22.67 9.06 -11.60
C LEU B 35 -24.16 8.75 -11.69
N ALA B 36 -24.63 8.30 -12.86
CA ALA B 36 -26.03 7.89 -12.98
C ALA B 36 -26.34 6.72 -12.06
N ASP B 37 -25.43 5.76 -11.98
CA ASP B 37 -25.59 4.67 -11.02
C ASP B 37 -25.72 5.22 -9.60
N ILE B 38 -24.83 6.14 -9.23
CA ILE B 38 -24.81 6.64 -7.86
C ILE B 38 -26.08 7.42 -7.56
N ALA B 39 -26.56 8.21 -8.53
CA ALA B 39 -27.78 8.98 -8.33
C ALA B 39 -28.97 8.05 -8.07
N GLU B 40 -29.06 6.94 -8.81
CA GLU B 40 -30.13 5.99 -8.59
C GLU B 40 -30.03 5.37 -7.20
N LEU B 41 -28.82 5.09 -6.73
CA LEU B 41 -28.64 4.53 -5.39
C LEU B 41 -28.99 5.55 -4.32
N ALA B 42 -28.71 6.83 -4.56
CA ALA B 42 -28.97 7.86 -3.56
C ALA B 42 -30.42 8.34 -3.57
N GLY B 43 -31.17 8.04 -4.63
CA GLY B 43 -32.53 8.53 -4.73
C GLY B 43 -32.63 9.97 -5.16
N VAL B 44 -31.67 10.47 -5.93
CA VAL B 44 -31.68 11.82 -6.43
C VAL B 44 -31.67 11.77 -7.96
N THR B 45 -32.03 12.90 -8.57
CA THR B 45 -32.06 13.00 -10.02
C THR B 45 -30.65 13.10 -10.59
N ARG B 46 -30.53 12.79 -11.89
CA ARG B 46 -29.25 12.95 -12.57
C ARG B 46 -28.87 14.42 -12.66
N GLY B 47 -29.84 15.31 -12.83
CA GLY B 47 -29.54 16.73 -12.80
C GLY B 47 -28.98 17.16 -11.46
N ALA B 48 -29.45 16.54 -10.37
CA ALA B 48 -28.96 16.90 -9.05
C ALA B 48 -27.51 16.46 -8.85
N ILE B 49 -27.21 15.19 -9.15
CA ILE B 49 -25.85 14.71 -8.89
C ILE B 49 -24.85 15.46 -9.75
N TYR B 50 -25.20 15.75 -11.00
CA TYR B 50 -24.28 16.49 -11.86
C TYR B 50 -24.19 17.96 -11.48
N TRP B 51 -25.15 18.45 -10.70
CA TRP B 51 -25.03 19.81 -10.18
C TRP B 51 -23.99 19.87 -9.07
N HIS B 52 -23.86 18.82 -8.28
CA HIS B 52 -22.90 18.79 -7.19
C HIS B 52 -21.51 18.37 -7.63
N PHE B 53 -21.41 17.48 -8.61
CA PHE B 53 -20.13 16.95 -9.05
C PHE B 53 -20.08 16.87 -10.56
N ASN B 54 -18.96 17.31 -11.15
CA ASN B 54 -18.83 17.31 -12.60
C ASN B 54 -18.48 15.92 -13.15
N ASN B 55 -17.71 15.15 -12.40
CA ASN B 55 -17.22 13.86 -12.86
C ASN B 55 -17.04 12.95 -11.66
N LYS B 56 -16.64 11.70 -11.93
CA LYS B 56 -16.37 10.77 -10.85
C LYS B 56 -15.12 11.18 -10.05
N ALA B 57 -14.14 11.78 -10.71
CA ALA B 57 -12.91 12.15 -10.03
C ALA B 57 -13.20 13.10 -8.87
N GLU B 58 -14.18 13.99 -9.04
CA GLU B 58 -14.54 14.91 -7.96
C GLU B 58 -15.19 14.18 -6.79
N LEU B 59 -15.95 13.12 -7.06
CA LEU B 59 -16.54 12.34 -5.98
C LEU B 59 -15.48 11.55 -5.22
N VAL B 60 -14.49 11.00 -5.93
CA VAL B 60 -13.40 10.31 -5.25
C VAL B 60 -12.63 11.27 -4.37
N GLN B 61 -12.38 12.49 -4.86
CA GLN B 61 -11.64 13.47 -4.07
C GLN B 61 -12.42 13.85 -2.82
N ALA B 62 -13.74 13.96 -2.94
CA ALA B 62 -14.57 14.31 -1.78
C ALA B 62 -14.41 13.28 -0.67
N LEU B 63 -14.39 12.00 -1.03
CA LEU B 63 -14.15 10.95 -0.04
C LEU B 63 -12.73 11.05 0.51
N LEU B 64 -11.75 11.21 -0.38
CA LEU B 64 -10.36 11.34 0.07
C LEU B 64 -10.21 12.52 1.02
N ASP B 65 -10.70 13.69 0.61
CA ASP B 65 -10.57 14.88 1.44
C ASP B 65 -11.22 14.70 2.82
N SER B 66 -12.24 13.84 2.91
CA SER B 66 -12.96 13.69 4.16
C SER B 66 -12.16 12.96 5.23
N LEU B 67 -10.98 12.43 4.90
CA LEU B 67 -10.25 11.61 5.85
C LEU B 67 -9.42 12.43 6.84
N HIS B 68 -9.02 13.66 6.47
CA HIS B 68 -8.12 14.42 7.32
C HIS B 68 -8.84 15.13 8.47
N GLU B 69 -10.14 15.39 8.33
CA GLU B 69 -10.84 16.22 9.29
C GLU B 69 -10.60 15.77 10.73
N THR B 70 -10.75 14.47 11.00
CA THR B 70 -10.69 14.01 12.38
C THR B 70 -9.32 14.27 13.01
N HIS B 71 -8.25 14.27 12.21
CA HIS B 71 -6.90 14.35 12.73
C HIS B 71 -6.31 15.76 12.72
N ASP B 72 -7.07 16.77 12.29
CA ASP B 72 -6.50 18.09 12.08
C ASP B 72 -5.95 18.68 13.38
N HIS B 73 -6.67 18.48 14.49
CA HIS B 73 -6.26 19.10 15.74
C HIS B 73 -4.87 18.61 16.18
N LEU B 74 -4.66 17.29 16.15
CA LEU B 74 -3.39 16.73 16.59
C LEU B 74 -2.28 17.00 15.59
N ALA B 75 -2.61 17.05 14.29
CA ALA B 75 -1.62 17.38 13.28
C ALA B 75 -1.06 18.79 13.50
N ARG B 76 -1.94 19.78 13.62
CA ARG B 76 -1.46 21.15 13.82
C ARG B 76 -0.64 21.28 15.10
N ALA B 77 -1.08 20.61 16.17
CA ALA B 77 -0.33 20.64 17.43
C ALA B 77 1.07 20.07 17.23
N SER B 78 1.18 18.93 16.55
CA SER B 78 2.48 18.31 16.35
C SER B 78 3.39 19.19 15.52
N GLU B 79 2.84 20.02 14.63
CA GLU B 79 3.63 20.85 13.73
C GLU B 79 3.98 22.20 14.33
N SER B 80 3.35 22.60 15.43
CA SER B 80 3.63 23.90 16.03
C SER B 80 4.98 23.88 16.73
N GLU B 81 5.84 24.86 16.38
CA GLU B 81 7.14 24.95 17.02
C GLU B 81 7.04 25.30 18.50
N ASP B 82 5.90 25.83 18.95
CA ASP B 82 5.70 26.15 20.35
C ASP B 82 5.18 24.97 21.18
N GLU B 83 4.84 23.85 20.54
CA GLU B 83 4.37 22.68 21.26
C GLU B 83 5.52 22.02 22.01
N VAL B 84 5.33 21.78 23.30
CA VAL B 84 6.41 21.27 24.13
C VAL B 84 6.65 19.77 23.94
N ASP B 85 5.65 19.03 23.47
CA ASP B 85 5.74 17.57 23.34
C ASP B 85 5.30 17.15 21.93
N PRO B 86 6.06 17.55 20.91
CA PRO B 86 5.63 17.25 19.54
C PRO B 86 5.61 15.77 19.22
N LEU B 87 6.56 14.99 19.74
CA LEU B 87 6.54 13.55 19.49
C LEU B 87 5.31 12.91 20.13
N GLY B 88 4.97 13.34 21.34
CA GLY B 88 3.76 12.84 21.98
C GLY B 88 2.51 13.16 21.19
N CYS B 89 2.49 14.30 20.50
CA CYS B 89 1.37 14.61 19.62
C CYS B 89 1.35 13.66 18.42
N MET B 90 2.54 13.32 17.89
CA MET B 90 2.60 12.34 16.81
C MET B 90 2.10 10.97 17.26
N ARG B 91 2.44 10.57 18.48
CA ARG B 91 2.00 9.27 18.98
C ARG B 91 0.47 9.25 19.12
N LYS B 92 -0.10 10.29 19.72
CA LYS B 92 -1.56 10.37 19.83
C LYS B 92 -2.19 10.41 18.45
N LEU B 93 -1.56 11.10 17.51
CA LEU B 93 -2.06 11.15 16.14
C LEU B 93 -2.13 9.75 15.53
N LEU B 94 -1.03 9.00 15.63
CA LEU B 94 -1.00 7.68 15.02
C LEU B 94 -1.95 6.72 15.72
N LEU B 95 -2.08 6.82 17.04
CA LEU B 95 -3.07 6.02 17.75
C LEU B 95 -4.47 6.32 17.24
N GLN B 96 -4.77 7.60 16.99
CA GLN B 96 -6.10 7.96 16.50
C GLN B 96 -6.32 7.47 15.07
N VAL B 97 -5.28 7.50 14.23
CA VAL B 97 -5.40 6.99 12.88
C VAL B 97 -5.84 5.54 12.89
N PHE B 98 -5.16 4.70 13.67
CA PHE B 98 -5.48 3.28 13.71
C PHE B 98 -6.81 3.03 14.43
N ASN B 99 -7.05 3.71 15.54
CA ASN B 99 -8.31 3.53 16.24
C ASN B 99 -9.50 3.87 15.34
N GLU B 100 -9.39 4.93 14.56
CA GLU B 100 -10.49 5.28 13.66
C GLU B 100 -10.63 4.27 12.53
N LEU B 101 -9.52 3.75 12.01
CA LEU B 101 -9.59 2.79 10.93
C LEU B 101 -10.34 1.54 11.37
N VAL B 102 -10.08 1.06 12.58
CA VAL B 102 -10.68 -0.19 13.04
C VAL B 102 -12.14 0.02 13.44
N LEU B 103 -12.44 1.16 14.07
CA LEU B 103 -13.76 1.36 14.68
C LEU B 103 -14.77 2.01 13.75
N ASP B 104 -14.34 2.90 12.86
CA ASP B 104 -15.27 3.65 12.02
C ASP B 104 -15.51 2.88 10.71
N ALA B 105 -16.76 2.50 10.49
CA ALA B 105 -17.09 1.81 9.24
C ALA B 105 -16.81 2.69 8.04
N ARG B 106 -17.00 4.00 8.17
CA ARG B 106 -16.81 4.90 7.03
C ARG B 106 -15.34 5.05 6.68
N THR B 107 -14.51 5.37 7.68
CA THR B 107 -13.08 5.46 7.46
C THR B 107 -12.53 4.18 6.85
N ARG B 108 -12.95 3.03 7.37
CA ARG B 108 -12.49 1.76 6.83
C ARG B 108 -12.91 1.61 5.37
N ARG B 109 -14.19 1.90 5.08
CA ARG B 109 -14.69 1.70 3.73
C ARG B 109 -14.02 2.64 2.74
N ILE B 110 -13.82 3.91 3.12
CA ILE B 110 -13.15 4.84 2.22
C ILE B 110 -11.71 4.39 1.98
N ASN B 111 -11.00 3.98 3.03
CA ASN B 111 -9.64 3.50 2.84
C ASN B 111 -9.61 2.29 1.93
N GLU B 112 -10.57 1.37 2.07
CA GLU B 112 -10.62 0.21 1.19
C GLU B 112 -10.82 0.65 -0.25
N ILE B 113 -11.67 1.66 -0.48
CA ILE B 113 -11.89 2.15 -1.83
C ILE B 113 -10.59 2.72 -2.41
N LEU B 114 -9.90 3.57 -1.63
CA LEU B 114 -8.70 4.22 -2.15
C LEU B 114 -7.59 3.21 -2.39
N HIS B 115 -7.48 2.19 -1.54
CA HIS B 115 -6.38 1.24 -1.67
C HIS B 115 -6.68 0.12 -2.66
N HIS B 116 -7.90 -0.38 -2.68
CA HIS B 116 -8.20 -1.63 -3.37
C HIS B 116 -9.34 -1.57 -4.37
N LYS B 117 -10.00 -0.42 -4.55
CA LYS B 117 -11.14 -0.37 -5.45
C LYS B 117 -11.13 0.88 -6.31
N CYS B 118 -9.95 1.38 -6.65
CA CYS B 118 -9.82 2.63 -7.40
C CYS B 118 -8.50 2.59 -8.16
N GLU B 119 -8.57 2.62 -9.49
CA GLU B 119 -7.39 2.50 -10.33
C GLU B 119 -6.89 3.86 -10.79
N PHE B 120 -5.57 3.97 -10.93
CA PHE B 120 -4.93 5.11 -11.58
C PHE B 120 -4.89 4.80 -13.09
N THR B 121 -5.62 5.57 -13.87
CA THR B 121 -5.58 5.47 -15.32
C THR B 121 -5.47 6.87 -15.92
N ASP B 122 -4.66 7.00 -16.98
CA ASP B 122 -4.56 8.28 -17.66
C ASP B 122 -5.90 8.73 -18.24
N ASP B 123 -6.85 7.80 -18.38
CA ASP B 123 -8.22 8.18 -18.72
C ASP B 123 -8.82 9.07 -17.64
N MET B 124 -8.39 8.90 -16.39
CA MET B 124 -8.81 9.75 -15.27
C MET B 124 -7.55 10.16 -14.50
N CYS B 125 -6.71 10.98 -15.15
CA CYS B 125 -5.41 11.32 -14.58
C CYS B 125 -5.51 12.03 -13.24
N GLU B 126 -6.66 12.63 -12.92
CA GLU B 126 -6.74 13.46 -11.72
C GLU B 126 -6.69 12.62 -10.45
N ILE B 127 -7.10 11.35 -10.51
CA ILE B 127 -7.08 10.52 -9.32
C ILE B 127 -5.65 10.37 -8.80
N ARG B 128 -4.73 10.02 -9.69
CA ARG B 128 -3.34 9.88 -9.29
C ARG B 128 -2.75 11.22 -8.86
N GLN B 129 -3.02 12.28 -9.63
CA GLN B 129 -2.48 13.60 -9.29
C GLN B 129 -2.91 14.02 -7.90
N GLN B 130 -4.18 13.83 -7.56
CA GLN B 130 -4.68 14.26 -6.26
C GLN B 130 -4.21 13.35 -5.14
N ARG B 131 -3.92 12.08 -5.44
CA ARG B 131 -3.29 11.24 -4.44
C ARG B 131 -1.86 11.70 -4.16
N GLN B 132 -1.13 12.05 -5.21
CA GLN B 132 0.21 12.61 -5.02
C GLN B 132 0.16 13.85 -4.12
N SER B 133 -0.79 14.74 -4.37
CA SER B 133 -0.87 15.97 -3.59
C SER B 133 -1.17 15.68 -2.12
N ALA B 134 -2.10 14.75 -1.86
CA ALA B 134 -2.45 14.41 -0.48
C ALA B 134 -1.26 13.83 0.27
N VAL B 135 -0.52 12.92 -0.37
CA VAL B 135 0.61 12.29 0.30
C VAL B 135 1.73 13.32 0.52
N LEU B 136 1.92 14.23 -0.42
CA LEU B 136 2.94 15.26 -0.24
C LEU B 136 2.56 16.19 0.90
N ASP B 137 1.26 16.50 1.05
CA ASP B 137 0.81 17.30 2.17
C ASP B 137 1.13 16.63 3.50
N ILE B 138 0.82 15.34 3.62
CA ILE B 138 1.15 14.59 4.83
C ILE B 138 2.64 14.63 5.09
N HIS B 139 3.45 14.43 4.03
CA HIS B 139 4.90 14.42 4.19
C HIS B 139 5.38 15.74 4.77
N LYS B 140 4.91 16.86 4.22
CA LYS B 140 5.35 18.17 4.69
C LYS B 140 5.02 18.35 6.17
N GLY B 141 3.83 17.91 6.59
CA GLY B 141 3.46 18.05 7.98
C GLY B 141 4.28 17.17 8.91
N TRP B 142 4.50 15.93 8.51
CA TRP B 142 5.26 15.00 9.37
C TRP B 142 6.73 15.40 9.44
N THR B 143 7.28 15.95 8.37
CA THR B 143 8.66 16.42 8.42
C THR B 143 8.81 17.56 9.43
N LEU B 144 7.83 18.46 9.48
CA LEU B 144 7.86 19.55 10.45
C LEU B 144 7.78 19.01 11.88
N ALA B 145 6.86 18.06 12.12
CA ALA B 145 6.69 17.51 13.46
C ALA B 145 7.93 16.77 13.93
N LEU B 146 8.59 16.04 13.03
CA LEU B 146 9.80 15.33 13.42
C LEU B 146 10.94 16.30 13.71
N ALA B 147 11.09 17.35 12.90
CA ALA B 147 12.10 18.36 13.17
C ALA B 147 11.84 19.04 14.52
N ASN B 148 10.57 19.31 14.82
CA ASN B 148 10.23 19.86 16.13
C ASN B 148 10.66 18.91 17.24
N ALA B 149 10.36 17.62 17.08
CA ALA B 149 10.76 16.64 18.08
C ALA B 149 12.27 16.59 18.24
N VAL B 150 13.00 16.70 17.13
CA VAL B 150 14.46 16.79 17.21
C VAL B 150 14.87 18.02 18.00
N ARG B 151 14.21 19.15 17.73
CA ARG B 151 14.55 20.40 18.40
C ARG B 151 14.29 20.33 19.90
N ARG B 152 13.29 19.55 20.32
CA ARG B 152 12.94 19.38 21.71
C ARG B 152 13.67 18.21 22.37
N GLY B 153 14.67 17.64 21.70
CA GLY B 153 15.44 16.57 22.29
C GLY B 153 14.75 15.24 22.36
N GLN B 154 13.65 15.06 21.62
CA GLN B 154 12.88 13.83 21.66
C GLN B 154 13.28 12.84 20.58
N LEU B 155 14.06 13.26 19.61
CA LEU B 155 14.61 12.41 18.57
C LEU B 155 16.09 12.72 18.39
N PRO B 156 16.84 11.82 17.76
CA PRO B 156 18.28 12.06 17.59
C PRO B 156 18.55 13.40 16.90
N GLY B 157 19.62 14.06 17.33
CA GLY B 157 19.93 15.37 16.81
C GLY B 157 20.29 15.38 15.34
N GLU B 158 20.86 14.29 14.84
CA GLU B 158 21.26 14.19 13.44
C GLU B 158 20.24 13.44 12.59
N LEU B 159 19.02 13.32 13.08
CA LEU B 159 17.97 12.66 12.30
C LEU B 159 17.77 13.36 10.96
N ASP B 160 17.64 12.57 9.90
CA ASP B 160 17.21 13.08 8.59
C ASP B 160 15.69 13.16 8.64
N ALA B 161 15.16 14.35 8.94
CA ALA B 161 13.72 14.48 9.14
C ALA B 161 12.94 14.04 7.91
N GLU B 162 13.44 14.35 6.72
CA GLU B 162 12.69 14.01 5.50
C GLU B 162 12.65 12.50 5.29
N ARG B 163 13.81 11.84 5.36
CA ARG B 163 13.81 10.38 5.20
C ARG B 163 13.06 9.70 6.34
N ALA B 164 13.13 10.26 7.55
CA ALA B 164 12.37 9.70 8.66
C ALA B 164 10.87 9.78 8.39
N ALA B 165 10.40 10.92 7.86
CA ALA B 165 8.98 11.05 7.56
C ALA B 165 8.55 10.04 6.49
N VAL B 166 9.41 9.79 5.50
CA VAL B 166 9.07 8.83 4.47
C VAL B 166 9.02 7.42 5.06
N ALA B 167 9.99 7.08 5.89
CA ALA B 167 9.99 5.76 6.53
C ALA B 167 8.74 5.55 7.36
N LEU B 168 8.35 6.56 8.16
CA LEU B 168 7.16 6.42 8.98
C LEU B 168 5.91 6.26 8.13
N TYR B 169 5.79 7.06 7.07
CA TYR B 169 4.62 6.95 6.21
C TYR B 169 4.55 5.57 5.55
N ALA B 170 5.70 5.07 5.05
CA ALA B 170 5.72 3.75 4.45
C ALA B 170 5.18 2.69 5.40
N TYR B 171 5.66 2.70 6.65
CA TYR B 171 5.21 1.73 7.64
C TYR B 171 3.73 1.88 7.93
N VAL B 172 3.27 3.11 8.18
CA VAL B 172 1.88 3.32 8.54
C VAL B 172 0.97 2.93 7.38
N ASP B 173 1.28 3.42 6.18
CA ASP B 173 0.46 3.09 5.01
C ASP B 173 0.47 1.59 4.74
N GLY B 174 1.65 0.96 4.88
CA GLY B 174 1.73 -0.47 4.62
C GLY B 174 0.96 -1.30 5.61
N LEU B 175 0.91 -0.86 6.88
CA LEU B 175 0.18 -1.59 7.90
C LEU B 175 -1.32 -1.41 7.73
N ILE B 176 -1.76 -0.21 7.34
CA ILE B 176 -3.17 0.02 7.02
C ILE B 176 -3.62 -0.92 5.91
N ARG B 177 -2.88 -0.97 4.81
CA ARG B 177 -3.28 -1.83 3.70
C ARG B 177 -3.21 -3.30 4.08
N ARG B 178 -2.21 -3.69 4.86
CA ARG B 178 -2.11 -5.08 5.30
C ARG B 178 -3.30 -5.46 6.16
N TRP B 179 -3.73 -4.55 7.05
CA TRP B 179 -4.89 -4.84 7.89
C TRP B 179 -6.16 -4.94 7.05
N LEU B 180 -6.29 -4.10 6.03
CA LEU B 180 -7.46 -4.16 5.17
C LEU B 180 -7.52 -5.50 4.42
N LEU B 181 -6.36 -5.99 4.00
CA LEU B 181 -6.32 -7.24 3.22
C LEU B 181 -6.54 -8.45 4.13
N LEU B 182 -5.86 -8.49 5.28
CA LEU B 182 -5.90 -9.62 6.20
C LEU B 182 -6.22 -9.11 7.60
N PRO B 183 -7.45 -8.67 7.84
CA PRO B 183 -7.77 -8.05 9.13
C PRO B 183 -7.56 -8.96 10.33
N ASP B 184 -7.69 -10.27 10.15
CA ASP B 184 -7.51 -11.22 11.25
C ASP B 184 -6.07 -11.60 11.47
N SER B 185 -5.16 -11.26 10.55
CA SER B 185 -3.75 -11.52 10.75
C SER B 185 -3.11 -10.53 11.72
N VAL B 186 -3.82 -9.48 12.11
CA VAL B 186 -3.23 -8.41 12.90
C VAL B 186 -4.27 -7.82 13.84
N ASP B 187 -4.04 -7.94 15.14
CA ASP B 187 -4.90 -7.31 16.15
C ASP B 187 -4.50 -5.84 16.24
N LEU B 188 -4.96 -5.05 15.25
CA LEU B 188 -4.53 -3.66 15.17
C LEU B 188 -5.09 -2.83 16.32
N LEU B 189 -6.28 -3.17 16.82
CA LEU B 189 -6.88 -2.40 17.91
C LEU B 189 -6.34 -2.81 19.27
N GLY B 190 -6.28 -4.11 19.55
CA GLY B 190 -5.83 -4.55 20.84
C GLY B 190 -4.36 -4.25 21.10
N ASP B 191 -3.53 -4.40 20.07
CA ASP B 191 -2.09 -4.13 20.17
C ASP B 191 -1.71 -2.78 19.57
N VAL B 192 -2.64 -1.82 19.57
CA VAL B 192 -2.42 -0.60 18.79
C VAL B 192 -1.19 0.15 19.30
N GLU B 193 -1.01 0.20 20.62
N GLU B 193 -0.99 0.19 20.62
CA GLU B 193 0.16 0.89 21.18
CA GLU B 193 0.16 0.91 21.15
C GLU B 193 1.45 0.25 20.67
C GLU B 193 1.47 0.25 20.70
N LYS B 194 1.50 -1.08 20.63
CA LYS B 194 2.68 -1.76 20.13
C LYS B 194 2.95 -1.45 18.67
N TRP B 195 1.89 -1.33 17.86
CA TRP B 195 2.10 -1.05 16.44
C TRP B 195 2.58 0.38 16.23
N VAL B 196 2.09 1.32 17.03
CA VAL B 196 2.55 2.70 16.91
C VAL B 196 4.01 2.81 17.33
N ASP B 197 4.37 2.20 18.46
CA ASP B 197 5.72 2.35 18.99
C ASP B 197 6.75 1.60 18.15
N THR B 198 6.34 0.52 17.48
CA THR B 198 7.25 -0.12 16.53
C THR B 198 7.69 0.89 15.46
N GLY B 199 6.74 1.67 14.94
CA GLY B 199 7.09 2.65 13.92
C GLY B 199 7.96 3.76 14.46
N LEU B 200 7.59 4.32 15.60
CA LEU B 200 8.39 5.41 16.17
C LEU B 200 9.77 4.93 16.56
N ASP B 201 9.87 3.71 17.09
CA ASP B 201 11.17 3.16 17.46
C ASP B 201 12.11 3.12 16.26
N MET B 202 11.57 2.82 15.08
CA MET B 202 12.40 2.86 13.88
C MET B 202 13.06 4.21 13.70
N LEU B 203 12.32 5.30 13.92
CA LEU B 203 12.86 6.62 13.65
C LEU B 203 13.90 7.02 14.70
N ARG B 204 13.61 6.77 15.96
CA ARG B 204 14.48 7.28 17.02
C ARG B 204 15.69 6.38 17.29
N LEU B 205 15.73 5.17 16.73
CA LEU B 205 16.81 4.24 17.01
C LEU B 205 17.68 3.91 15.81
N SER B 206 17.12 3.84 14.62
CA SER B 206 17.89 3.35 13.47
C SER B 206 18.97 4.37 13.07
N PRO B 207 20.25 4.02 13.16
CA PRO B 207 21.28 4.97 12.69
C PRO B 207 21.25 5.19 11.19
N ALA B 208 20.57 4.31 10.42
CA ALA B 208 20.45 4.52 8.99
C ALA B 208 19.63 5.75 8.65
N LEU B 209 18.79 6.22 9.58
CA LEU B 209 17.98 7.41 9.37
C LEU B 209 18.67 8.68 9.86
N ARG B 210 19.94 8.60 10.25
CA ARG B 210 20.69 9.75 10.73
C ARG B 210 21.69 10.18 9.65
N LYS B 211 22.01 11.47 9.66
CA LYS B 211 22.85 12.06 8.63
C LYS B 211 24.32 11.76 8.86
MG MG C . 11.89 -10.84 -11.44
MG MG D . -12.49 10.93 10.07
#